data_5MEX
#
_entry.id   5MEX
#
_cell.length_a   63.820
_cell.length_b   63.820
_cell.length_c   209.970
_cell.angle_alpha   90.00
_cell.angle_beta   90.00
_cell.angle_gamma   90.00
#
_symmetry.space_group_name_H-M   'P 43 21 2'
#
loop_
_entity.id
_entity.type
_entity.pdbx_description
1 polymer 'Cytosolic sulfotransferase 18'
2 non-polymer "3'-PHOSPHATE-ADENOSINE-5'-DIPHOSPHATE"
3 non-polymer Sinigrin
4 non-polymer 1,2-ETHANEDIOL
5 non-polymer 1,3-BUTANEDIOL
6 water water
#
_entity_poly.entity_id   1
_entity_poly.type   'polypeptide(L)'
_entity_poly.pdbx_seq_one_letter_code
;ESTEFEKNQKRYQDLISTFPHEKGWRPKEPLIEYGGYWWLPSLLEGCIHAQEFFQARPSDFLVCSYPKTGTTWLKALTFA
IANRSRFDDSSNPLLKRNPHEFVPYIEIDFPFFPEVDVLKDKGNTLFSTHIPYELLPDSVVKSGCKMVYIWREPKDTFIS
MWTFLHKERTELGPVSNLEESFDMFCRGLSGYGPYLNHILAYWKAYQENPDRILFLKYETMRADPLPYVKSLAEFMGHGF
TAEEEEKGVVEKVVNLCSFETLKNLEANKGEKDREDRPGVYANSAYFRKGKVGDWSNYLTPEMAARIDGLMEEKFKGTGL
LE
;
_entity_poly.pdbx_strand_id   A
#
# COMPACT_ATOMS: atom_id res chain seq x y z
N GLU A 1 6.71 30.42 -2.86
CA GLU A 1 5.37 30.37 -2.18
C GLU A 1 5.05 28.95 -1.62
N SER A 2 4.08 28.87 -0.70
CA SER A 2 3.86 27.62 -0.01
C SER A 2 2.79 26.77 -0.69
N THR A 3 2.85 25.48 -0.43
CA THR A 3 1.97 24.53 -1.12
C THR A 3 0.56 24.66 -0.52
N GLU A 4 -0.43 24.09 -1.17
CA GLU A 4 -1.78 24.05 -0.59
C GLU A 4 -1.75 23.35 0.79
N PHE A 5 -1.08 22.20 0.92
CA PHE A 5 -0.91 21.58 2.24
C PHE A 5 -0.33 22.53 3.26
N GLU A 6 0.78 23.19 2.92
CA GLU A 6 1.38 24.10 3.85
C GLU A 6 0.43 25.21 4.34
N LYS A 7 -0.36 25.71 3.41
CA LYS A 7 -1.30 26.74 3.75
C LYS A 7 -2.39 26.22 4.70
N ASN A 8 -2.64 24.91 4.72
CA ASN A 8 -3.72 24.31 5.55
C ASN A 8 -3.23 23.46 6.71
N GLN A 9 -1.92 23.28 6.84
CA GLN A 9 -1.41 22.38 7.86
C GLN A 9 -1.75 22.75 9.29
N LYS A 10 -1.67 24.01 9.62
CA LYS A 10 -1.97 24.48 10.94
C LYS A 10 -3.45 24.20 11.31
N ARG A 11 -4.37 24.37 10.39
CA ARG A 11 -5.75 23.98 10.73
C ARG A 11 -5.94 22.50 10.79
N TYR A 12 -5.26 21.74 9.94
CA TYR A 12 -5.29 20.27 10.05
C TYR A 12 -4.78 19.77 11.38
N GLN A 13 -3.69 20.34 11.86
CA GLN A 13 -3.14 20.00 13.17
C GLN A 13 -4.07 20.38 14.31
N ASP A 14 -4.67 21.56 14.23
CA ASP A 14 -5.64 22.00 15.21
C ASP A 14 -6.82 21.03 15.21
N LEU A 15 -7.33 20.67 14.02
CA LEU A 15 -8.44 19.74 13.90
C LEU A 15 -8.18 18.42 14.65
N ILE A 16 -7.06 17.78 14.32
CA ILE A 16 -6.83 16.46 14.80
C ILE A 16 -6.33 16.42 16.25
N SER A 17 -5.93 17.56 16.80
CA SER A 17 -5.44 17.70 18.15
C SER A 17 -6.42 17.23 19.22
N THR A 18 -7.73 17.33 18.96
CA THR A 18 -8.68 16.81 19.94
C THR A 18 -9.35 15.50 19.52
N PHE A 19 -8.96 14.88 18.41
CA PHE A 19 -9.40 13.55 18.12
C PHE A 19 -8.84 12.61 19.21
N PRO A 20 -9.53 11.47 19.50
CA PRO A 20 -9.02 10.54 20.55
C PRO A 20 -7.63 10.01 20.19
N HIS A 21 -6.73 10.02 21.17
CA HIS A 21 -5.34 9.51 20.95
C HIS A 21 -5.22 8.26 21.77
N GLU A 22 -4.48 7.28 21.24
CA GLU A 22 -4.10 6.11 22.02
C GLU A 22 -2.57 5.94 21.97
N LYS A 23 -2.04 5.13 22.86
CA LYS A 23 -0.60 4.76 22.78
C LYS A 23 -0.34 4.10 21.46
N GLY A 24 0.74 4.44 20.77
CA GLY A 24 1.06 3.75 19.54
C GLY A 24 2.22 2.74 19.68
N TRP A 25 2.91 2.43 18.60
CA TRP A 25 3.98 1.43 18.63
C TRP A 25 5.32 2.07 18.95
N ARG A 26 5.32 3.37 19.15
CA ARG A 26 6.50 4.11 19.58
C ARG A 26 6.15 5.02 20.73
N PRO A 27 7.11 5.27 21.62
CA PRO A 27 6.83 6.03 22.84
C PRO A 27 6.33 7.45 22.55
N LYS A 28 6.90 8.09 21.55
CA LYS A 28 6.53 9.47 21.21
C LYS A 28 5.54 9.62 20.05
N GLU A 29 4.96 8.52 19.57
CA GLU A 29 4.15 8.54 18.37
C GLU A 29 2.76 7.92 18.68
N PRO A 30 1.83 8.73 19.19
CA PRO A 30 0.54 8.13 19.47
C PRO A 30 -0.23 7.80 18.20
N LEU A 31 -1.23 6.95 18.33
CA LEU A 31 -2.15 6.65 17.28
C LEU A 31 -3.43 7.57 17.52
N ILE A 32 -4.05 8.00 16.44
CA ILE A 32 -5.19 8.92 16.50
C ILE A 32 -6.37 8.33 15.76
N GLU A 33 -7.55 8.41 16.35
CA GLU A 33 -8.72 7.78 15.74
C GLU A 33 -9.51 8.76 14.88
N TYR A 34 -9.71 8.38 13.62
CA TYR A 34 -10.57 9.12 12.72
C TYR A 34 -11.39 8.14 11.88
N GLY A 35 -12.70 8.32 11.87
CA GLY A 35 -13.58 7.50 11.06
C GLY A 35 -13.57 6.01 11.36
N GLY A 36 -13.34 5.66 12.62
CA GLY A 36 -13.30 4.27 13.04
C GLY A 36 -11.97 3.57 12.80
N TYR A 37 -10.96 4.31 12.38
CA TYR A 37 -9.64 3.77 12.12
C TYR A 37 -8.58 4.56 12.87
N TRP A 38 -7.43 3.94 13.09
CA TRP A 38 -6.33 4.56 13.82
C TRP A 38 -5.23 5.03 12.88
N TRP A 39 -4.66 6.20 13.19
CA TRP A 39 -3.73 6.86 12.30
C TRP A 39 -2.45 7.33 12.95
N LEU A 40 -1.34 7.24 12.22
CA LEU A 40 -0.17 8.01 12.54
C LEU A 40 -0.56 9.45 12.28
N PRO A 41 -0.12 10.36 13.12
CA PRO A 41 -0.51 11.73 12.99
C PRO A 41 -0.22 12.43 11.65
N SER A 42 0.98 12.26 11.07
CA SER A 42 1.26 12.85 9.79
C SER A 42 0.43 12.28 8.66
N LEU A 43 0.15 11.02 8.72
CA LEU A 43 -0.57 10.36 7.71
C LEU A 43 -2.11 10.78 7.79
N LEU A 44 -2.54 11.05 8.99
CA LEU A 44 -3.93 11.58 9.16
C LEU A 44 -4.02 12.98 8.58
N GLU A 45 -3.04 13.84 8.89
CA GLU A 45 -2.94 15.13 8.18
C GLU A 45 -3.01 14.99 6.67
N GLY A 46 -2.30 14.00 6.19
CA GLY A 46 -2.28 13.62 4.77
C GLY A 46 -3.64 13.21 4.22
N CYS A 47 -4.29 12.31 4.94
CA CYS A 47 -5.65 11.82 4.60
C CYS A 47 -6.65 12.99 4.52
N ILE A 48 -6.60 13.88 5.47
CA ILE A 48 -7.55 14.99 5.55
C ILE A 48 -7.30 15.89 4.38
N HIS A 49 -6.01 16.14 4.08
CA HIS A 49 -5.72 16.92 2.92
C HIS A 49 -6.19 16.29 1.65
N ALA A 50 -5.98 15.01 1.50
CA ALA A 50 -6.44 14.36 0.33
C ALA A 50 -7.99 14.42 0.17
N GLN A 51 -8.68 14.17 1.27
CA GLN A 51 -10.14 14.31 1.33
C GLN A 51 -10.60 15.68 0.83
N GLU A 52 -9.91 16.74 1.23
CA GLU A 52 -10.31 18.06 0.88
C GLU A 52 -9.87 18.48 -0.54
N PHE A 53 -8.72 18.00 -0.98
CA PHE A 53 -8.09 18.50 -2.21
C PHE A 53 -7.81 17.56 -3.34
N PHE A 54 -7.73 16.25 -3.10
CA PHE A 54 -7.39 15.38 -4.20
C PHE A 54 -8.56 15.31 -5.19
N GLN A 55 -8.25 15.44 -6.47
CA GLN A 55 -9.24 15.32 -7.56
C GLN A 55 -9.05 14.18 -8.51
N ALA A 56 -9.77 13.10 -8.30
CA ALA A 56 -9.64 11.90 -9.08
C ALA A 56 -10.32 12.11 -10.43
N ARG A 57 -9.85 11.44 -11.47
CA ARG A 57 -10.50 11.49 -12.74
C ARG A 57 -10.94 10.07 -13.05
N PRO A 58 -11.97 9.92 -13.91
CA PRO A 58 -12.44 8.58 -14.25
C PRO A 58 -11.41 7.65 -14.81
N SER A 59 -10.42 8.20 -15.54
CA SER A 59 -9.37 7.39 -16.13
C SER A 59 -8.23 7.07 -15.15
N ASP A 60 -8.29 7.58 -13.91
CA ASP A 60 -7.25 7.20 -12.93
C ASP A 60 -7.34 5.73 -12.51
N PHE A 61 -6.21 5.19 -11.99
CA PHE A 61 -6.15 3.79 -11.54
C PHE A 61 -5.55 3.83 -10.15
N LEU A 62 -6.32 3.44 -9.14
CA LEU A 62 -5.94 3.52 -7.73
C LEU A 62 -5.58 2.16 -7.08
N VAL A 63 -4.32 2.04 -6.67
CA VAL A 63 -3.81 0.91 -5.89
C VAL A 63 -4.09 1.15 -4.43
N CYS A 64 -4.80 0.20 -3.83
CA CYS A 64 -5.25 0.33 -2.49
C CYS A 64 -4.73 -0.89 -1.72
N SER A 65 -4.33 -0.66 -0.49
CA SER A 65 -3.79 -1.75 0.34
C SER A 65 -3.72 -1.28 1.74
N TYR A 66 -3.73 -2.23 2.69
CA TYR A 66 -3.24 -1.93 4.04
C TYR A 66 -1.66 -2.08 3.99
N PRO A 67 -0.92 -1.38 4.83
CA PRO A 67 0.54 -1.41 4.69
C PRO A 67 1.14 -2.80 4.86
N LYS A 68 2.13 -3.13 4.04
CA LYS A 68 2.88 -4.39 4.12
C LYS A 68 2.19 -5.61 3.50
N THR A 69 1.15 -5.37 2.70
CA THR A 69 0.44 -6.44 2.03
C THR A 69 0.85 -6.72 0.57
N GLY A 70 1.84 -6.00 0.05
CA GLY A 70 2.18 -6.12 -1.34
C GLY A 70 2.17 -4.84 -2.12
N THR A 71 2.23 -3.70 -1.45
CA THR A 71 2.01 -2.45 -2.13
C THR A 71 3.14 -2.16 -3.18
N THR A 72 4.37 -2.35 -2.75
CA THR A 72 5.54 -2.14 -3.59
C THR A 72 5.48 -2.96 -4.86
N TRP A 73 5.15 -4.25 -4.70
CA TRP A 73 5.06 -5.15 -5.79
C TRP A 73 4.00 -4.68 -6.79
N LEU A 74 2.84 -4.31 -6.26
CA LEU A 74 1.77 -3.85 -7.12
C LEU A 74 2.06 -2.56 -7.83
N LYS A 75 2.73 -1.63 -7.17
CA LYS A 75 3.19 -0.45 -7.79
C LYS A 75 4.12 -0.74 -8.99
N ALA A 76 5.07 -1.65 -8.81
CA ALA A 76 5.88 -2.10 -9.93
C ALA A 76 5.06 -2.73 -11.04
N LEU A 77 4.21 -3.72 -10.71
CA LEU A 77 3.37 -4.36 -11.69
C LEU A 77 2.50 -3.39 -12.47
N THR A 78 1.82 -2.49 -11.82
CA THR A 78 0.93 -1.55 -12.53
C THR A 78 1.72 -0.60 -13.44
N PHE A 79 2.82 -0.08 -12.94
CA PHE A 79 3.68 0.73 -13.77
C PHE A 79 4.18 -0.02 -15.02
N ALA A 80 4.70 -1.23 -14.80
CA ALA A 80 5.31 -2.05 -15.84
C ALA A 80 4.28 -2.38 -16.93
N ILE A 81 3.06 -2.73 -16.51
CA ILE A 81 1.98 -3.06 -17.40
C ILE A 81 1.61 -1.84 -18.26
N ALA A 82 1.41 -0.69 -17.61
CA ALA A 82 0.89 0.47 -18.26
C ALA A 82 1.89 1.08 -19.23
N ASN A 83 3.19 0.84 -19.03
CA ASN A 83 4.22 1.53 -19.78
C ASN A 83 5.07 0.64 -20.67
N ARG A 84 4.68 -0.62 -20.85
CA ARG A 84 5.56 -1.60 -21.49
C ARG A 84 5.78 -1.26 -22.96
N SER A 85 4.92 -0.46 -23.57
CA SER A 85 5.18 -0.09 -24.97
C SER A 85 6.29 0.97 -25.08
N ARG A 86 6.63 1.64 -23.96
CA ARG A 86 7.71 2.64 -23.96
C ARG A 86 9.13 2.09 -23.78
N PHE A 87 9.28 0.92 -23.17
CA PHE A 87 10.55 0.51 -22.59
C PHE A 87 10.94 -0.95 -22.95
N ASP A 88 12.15 -1.16 -23.46
CA ASP A 88 12.75 -2.52 -23.47
C ASP A 88 13.03 -2.88 -22.06
N ASP A 89 13.01 -4.17 -21.73
CA ASP A 89 13.11 -4.48 -20.29
C ASP A 89 14.53 -4.33 -19.74
N SER A 90 15.50 -4.05 -20.60
CA SER A 90 16.79 -3.55 -20.09
C SER A 90 16.82 -2.03 -19.89
N SER A 91 15.84 -1.29 -20.39
CA SER A 91 15.84 0.15 -20.19
C SER A 91 14.59 0.66 -19.39
N ASN A 92 13.91 -0.26 -18.69
CA ASN A 92 12.80 0.15 -17.82
C ASN A 92 13.27 0.99 -16.62
N PRO A 93 12.59 2.11 -16.35
CA PRO A 93 12.93 2.96 -15.22
C PRO A 93 12.87 2.22 -13.86
N LEU A 94 12.07 1.16 -13.75
CA LEU A 94 12.05 0.33 -12.52
C LEU A 94 13.44 -0.29 -12.17
N LEU A 95 14.37 -0.33 -13.12
CA LEU A 95 15.72 -0.81 -12.83
C LEU A 95 16.61 0.21 -12.16
N LYS A 96 16.19 1.46 -12.19
CA LYS A 96 16.98 2.62 -11.63
C LYS A 96 16.37 3.30 -10.44
N ARG A 97 15.08 3.09 -10.19
CA ARG A 97 14.43 3.80 -9.10
C ARG A 97 13.40 2.86 -8.46
N ASN A 98 13.18 3.07 -7.19
CA ASN A 98 12.27 2.27 -6.40
C ASN A 98 10.84 2.43 -6.98
N PRO A 99 10.04 1.35 -7.03
CA PRO A 99 8.69 1.50 -7.48
C PRO A 99 7.82 2.58 -6.87
N HIS A 100 8.04 2.95 -5.61
CA HIS A 100 7.25 4.05 -5.04
C HIS A 100 7.42 5.37 -5.70
N GLU A 101 8.51 5.58 -6.43
CA GLU A 101 8.62 6.83 -7.15
C GLU A 101 7.63 6.96 -8.35
N PHE A 102 7.09 5.85 -8.86
CA PHE A 102 6.29 5.92 -10.06
C PHE A 102 4.77 5.94 -9.76
N VAL A 103 4.41 5.59 -8.53
CA VAL A 103 3.01 5.58 -8.09
C VAL A 103 2.85 6.39 -6.83
N PRO A 104 2.42 7.65 -6.96
CA PRO A 104 2.40 8.48 -5.80
C PRO A 104 1.23 8.15 -4.85
N TYR A 105 1.50 8.22 -3.55
CA TYR A 105 0.42 8.10 -2.56
C TYR A 105 -0.44 9.34 -2.49
N ILE A 106 -1.77 9.17 -2.39
CA ILE A 106 -2.61 10.38 -2.32
C ILE A 106 -2.52 11.02 -0.98
N GLU A 107 -2.15 10.30 0.06
CA GLU A 107 -2.04 10.88 1.40
C GLU A 107 -0.59 11.14 1.90
N ILE A 108 0.37 10.86 1.05
CA ILE A 108 1.80 11.19 1.37
C ILE A 108 2.41 12.13 0.33
N ASP A 109 2.51 11.69 -0.88
CA ASP A 109 3.20 12.48 -1.92
C ASP A 109 2.37 13.68 -2.32
N PHE A 110 1.06 13.45 -2.45
CA PHE A 110 0.18 14.56 -2.84
C PHE A 110 0.18 15.70 -1.84
N PRO A 111 0.01 15.44 -0.52
CA PRO A 111 0.11 16.57 0.41
C PRO A 111 1.55 17.13 0.63
N PHE A 112 2.47 16.21 0.94
CA PHE A 112 3.79 16.55 1.47
C PHE A 112 4.83 16.89 0.38
N PHE A 113 4.73 16.28 -0.76
CA PHE A 113 5.73 16.42 -1.84
C PHE A 113 5.04 16.65 -3.19
N PRO A 114 4.16 17.70 -3.28
CA PRO A 114 3.37 17.92 -4.48
C PRO A 114 4.18 18.29 -5.73
N GLU A 115 5.39 18.75 -5.53
CA GLU A 115 6.34 19.09 -6.60
C GLU A 115 6.99 17.94 -7.32
N VAL A 116 6.85 16.67 -6.90
CA VAL A 116 7.44 15.59 -7.63
C VAL A 116 6.95 15.50 -9.07
N ASP A 117 7.83 15.11 -10.00
CA ASP A 117 7.50 15.16 -11.39
C ASP A 117 6.23 14.39 -11.69
N VAL A 118 6.09 13.21 -11.14
CA VAL A 118 4.92 12.39 -11.47
C VAL A 118 3.58 13.09 -11.16
N LEU A 119 3.55 13.89 -10.13
CA LEU A 119 2.32 14.60 -9.73
C LEU A 119 2.03 15.83 -10.57
N LYS A 120 3.03 16.32 -11.29
CA LYS A 120 2.85 17.43 -12.22
C LYS A 120 2.45 16.98 -13.62
N ASP A 121 2.49 15.67 -13.88
CA ASP A 121 2.19 15.07 -15.15
C ASP A 121 0.74 14.57 -15.17
N LYS A 122 -0.12 15.31 -15.87
CA LYS A 122 -1.52 14.88 -15.99
C LYS A 122 -1.67 13.61 -16.79
N GLY A 123 -0.62 13.23 -17.53
CA GLY A 123 -0.59 11.98 -18.24
C GLY A 123 -0.47 10.77 -17.31
N ASN A 124 0.02 10.99 -16.09
CA ASN A 124 0.03 9.89 -15.12
C ASN A 124 -1.40 9.52 -14.66
N THR A 125 -1.70 8.21 -14.72
CA THR A 125 -2.96 7.69 -14.30
C THR A 125 -2.85 6.92 -13.00
N LEU A 126 -1.63 6.69 -12.53
CA LEU A 126 -1.42 5.72 -11.42
C LEU A 126 -1.30 6.41 -10.07
N PHE A 127 -2.12 6.00 -9.09
CA PHE A 127 -2.10 6.54 -7.73
C PHE A 127 -2.22 5.41 -6.72
N SER A 128 -1.89 5.67 -5.47
CA SER A 128 -1.99 4.68 -4.47
C SER A 128 -2.48 5.27 -3.21
N THR A 129 -2.99 4.39 -2.31
CA THR A 129 -3.38 4.83 -1.01
C THR A 129 -3.51 3.66 -0.05
N HIS A 130 -3.38 3.95 1.24
CA HIS A 130 -3.77 3.03 2.27
C HIS A 130 -5.03 3.49 2.97
N ILE A 131 -5.65 4.57 2.48
CA ILE A 131 -6.79 5.18 3.18
C ILE A 131 -7.90 4.11 3.16
N PRO A 132 -8.54 3.88 4.30
CA PRO A 132 -9.67 2.96 4.35
C PRO A 132 -10.78 3.36 3.35
N TYR A 133 -11.45 2.40 2.81
CA TYR A 133 -12.47 2.63 1.80
C TYR A 133 -13.53 3.70 2.13
N GLU A 134 -14.00 3.70 3.37
CA GLU A 134 -15.08 4.62 3.82
C GLU A 134 -14.58 6.01 3.89
N LEU A 135 -13.26 6.17 3.94
CA LEU A 135 -12.64 7.48 4.12
C LEU A 135 -11.97 7.98 2.83
N LEU A 136 -12.08 7.24 1.75
CA LEU A 136 -11.55 7.75 0.47
C LEU A 136 -12.14 9.11 0.10
N PRO A 137 -11.32 9.92 -0.55
CA PRO A 137 -11.79 11.28 -0.88
C PRO A 137 -13.05 11.12 -1.78
N ASP A 138 -13.98 12.04 -1.64
CA ASP A 138 -15.28 11.92 -2.35
C ASP A 138 -15.10 11.95 -3.85
N SER A 139 -14.09 12.69 -4.32
CA SER A 139 -13.78 12.64 -5.76
C SER A 139 -13.40 11.29 -6.26
N VAL A 140 -12.75 10.45 -5.45
CA VAL A 140 -12.39 9.13 -5.93
C VAL A 140 -13.66 8.33 -6.15
N VAL A 141 -14.49 8.43 -5.15
CA VAL A 141 -15.72 7.68 -5.17
C VAL A 141 -16.57 8.12 -6.34
N LYS A 142 -16.76 9.44 -6.50
CA LYS A 142 -17.60 9.96 -7.60
C LYS A 142 -17.01 9.73 -8.96
N SER A 143 -15.71 9.69 -9.10
CA SER A 143 -15.10 9.57 -10.43
C SER A 143 -15.41 8.31 -11.12
N GLY A 144 -15.60 7.27 -10.35
CA GLY A 144 -15.76 5.95 -10.86
C GLY A 144 -14.46 5.27 -11.26
N CYS A 145 -13.32 5.86 -10.96
CA CYS A 145 -12.07 5.25 -11.37
C CYS A 145 -11.89 3.82 -10.82
N LYS A 146 -11.19 2.99 -11.55
CA LYS A 146 -10.98 1.61 -11.12
C LYS A 146 -9.99 1.58 -9.98
N MET A 147 -10.15 0.55 -9.15
CA MET A 147 -9.30 0.32 -7.98
C MET A 147 -8.87 -1.13 -7.97
N VAL A 148 -7.63 -1.36 -7.51
CA VAL A 148 -7.18 -2.71 -7.15
C VAL A 148 -6.84 -2.69 -5.69
N TYR A 149 -7.32 -3.71 -5.00
CA TYR A 149 -7.07 -3.92 -3.62
C TYR A 149 -6.30 -5.23 -3.42
N ILE A 150 -5.23 -5.15 -2.65
CA ILE A 150 -4.46 -6.35 -2.29
C ILE A 150 -4.46 -6.50 -0.76
N TRP A 151 -4.62 -7.75 -0.31
CA TRP A 151 -4.45 -8.06 1.09
C TRP A 151 -3.54 -9.32 1.22
N ARG A 152 -3.26 -9.62 2.47
CA ARG A 152 -2.27 -10.61 2.84
C ARG A 152 -2.66 -11.26 4.18
N GLU A 153 -2.35 -12.53 4.32
CA GLU A 153 -2.57 -13.27 5.57
C GLU A 153 -2.03 -12.47 6.73
N PRO A 154 -2.81 -12.31 7.79
CA PRO A 154 -2.42 -11.35 8.81
C PRO A 154 -1.16 -11.59 9.63
N LYS A 155 -0.77 -12.82 9.90
CA LYS A 155 0.46 -13.07 10.69
C LYS A 155 1.68 -12.55 9.89
N ASP A 156 1.72 -12.86 8.62
CA ASP A 156 2.78 -12.41 7.75
C ASP A 156 2.77 -10.90 7.57
N THR A 157 1.56 -10.31 7.46
CA THR A 157 1.40 -8.87 7.42
C THR A 157 1.93 -8.19 8.64
N PHE A 158 1.62 -8.69 9.83
CA PHE A 158 2.10 -8.09 11.05
C PHE A 158 3.65 -8.15 11.12
N ILE A 159 4.16 -9.34 10.87
CA ILE A 159 5.64 -9.53 10.89
C ILE A 159 6.34 -8.60 9.86
N SER A 160 5.80 -8.51 8.66
CA SER A 160 6.33 -7.57 7.68
C SER A 160 6.40 -6.19 8.21
N MET A 161 5.33 -5.72 8.87
CA MET A 161 5.35 -4.41 9.49
C MET A 161 6.29 -4.24 10.68
N TRP A 162 6.28 -5.20 11.58
CA TRP A 162 7.02 -5.08 12.81
C TRP A 162 8.57 -5.04 12.48
N THR A 163 9.00 -5.85 11.57
CA THR A 163 10.45 -5.86 11.14
C THR A 163 10.76 -4.52 10.44
N PHE A 164 9.89 -4.14 9.49
CA PHE A 164 10.04 -2.85 8.72
C PHE A 164 10.22 -1.66 9.61
N LEU A 165 9.43 -1.55 10.68
CA LEU A 165 9.53 -0.42 11.60
C LEU A 165 10.87 -0.23 12.27
N HIS A 166 11.62 -1.31 12.44
CA HIS A 166 13.01 -1.24 12.94
C HIS A 166 13.98 -0.47 12.00
N LYS A 167 13.58 -0.28 10.74
CA LYS A 167 14.36 0.44 9.72
C LYS A 167 13.95 1.87 9.48
N GLU A 168 12.96 2.37 10.23
CA GLU A 168 12.52 3.73 10.06
C GLU A 168 13.47 4.74 10.64
N ARG A 169 13.81 5.76 9.91
CA ARG A 169 14.57 6.85 10.49
C ARG A 169 13.66 7.80 11.22
N THR A 170 13.80 7.92 12.53
CA THR A 170 12.81 8.58 13.32
C THR A 170 13.44 9.06 14.59
N GLU A 171 12.91 10.13 15.16
CA GLU A 171 13.32 10.56 16.49
C GLU A 171 12.23 10.18 17.53
N LEU A 172 11.24 9.38 17.14
CA LEU A 172 10.04 9.16 18.02
C LEU A 172 10.18 7.88 18.84
N GLY A 173 11.37 7.25 18.82
CA GLY A 173 11.71 6.14 19.72
C GLY A 173 11.69 4.73 19.12
N PRO A 174 12.27 3.76 19.81
CA PRO A 174 12.31 2.36 19.40
C PRO A 174 10.91 1.75 19.34
N VAL A 175 10.71 0.85 18.39
CA VAL A 175 9.43 0.19 18.25
C VAL A 175 9.14 -0.67 19.45
N SER A 176 7.85 -0.76 19.81
CA SER A 176 7.42 -1.69 20.82
C SER A 176 7.90 -3.11 20.59
N ASN A 177 8.09 -3.85 21.70
CA ASN A 177 8.49 -5.22 21.57
C ASN A 177 7.49 -6.06 20.83
N LEU A 178 7.90 -7.26 20.44
CA LEU A 178 7.07 -8.08 19.63
C LEU A 178 5.70 -8.39 20.28
N GLU A 179 5.72 -8.76 21.56
CA GLU A 179 4.48 -9.12 22.26
C GLU A 179 3.49 -7.96 22.32
N GLU A 180 3.96 -6.80 22.74
CA GLU A 180 3.12 -5.63 22.84
C GLU A 180 2.64 -5.20 21.47
N SER A 181 3.51 -5.21 20.47
CA SER A 181 3.13 -4.85 19.12
C SER A 181 2.07 -5.75 18.60
N PHE A 182 2.20 -7.02 18.89
CA PHE A 182 1.25 -7.95 18.41
C PHE A 182 -0.10 -7.78 19.14
N ASP A 183 -0.08 -7.48 20.42
CA ASP A 183 -1.32 -7.28 21.19
C ASP A 183 -2.08 -6.09 20.54
N MET A 184 -1.36 -5.01 20.34
CA MET A 184 -1.90 -3.85 19.64
C MET A 184 -2.50 -4.17 18.31
N PHE A 185 -1.79 -4.91 17.45
CA PHE A 185 -2.23 -5.28 16.15
C PHE A 185 -3.53 -6.08 16.23
N CYS A 186 -3.56 -7.02 17.17
CA CYS A 186 -4.77 -7.83 17.38
C CYS A 186 -5.95 -6.99 17.86
N ARG A 187 -5.72 -5.96 18.66
CA ARG A 187 -6.72 -5.11 19.14
C ARG A 187 -7.12 -4.05 18.11
N GLY A 188 -6.51 -4.07 16.91
CA GLY A 188 -6.78 -3.09 15.84
C GLY A 188 -6.12 -1.72 16.00
N LEU A 189 -5.23 -1.63 16.97
CA LEU A 189 -4.45 -0.43 17.24
C LEU A 189 -3.15 -0.44 16.41
N SER A 190 -3.29 -0.11 15.13
CA SER A 190 -2.14 -0.09 14.18
C SER A 190 -2.46 1.04 13.17
N GLY A 191 -1.45 1.55 12.48
CA GLY A 191 -1.63 2.58 11.47
C GLY A 191 -2.54 2.10 10.36
N TYR A 192 -3.63 2.87 10.16
CA TYR A 192 -4.68 2.53 9.21
C TYR A 192 -5.48 1.34 9.63
N GLY A 193 -5.34 0.89 10.87
CA GLY A 193 -6.04 -0.32 11.32
C GLY A 193 -7.40 0.11 11.90
N PRO A 194 -8.19 -0.84 12.33
CA PRO A 194 -7.91 -2.26 12.38
C PRO A 194 -7.77 -2.91 11.04
N TYR A 195 -6.73 -3.72 10.89
CA TYR A 195 -6.45 -4.37 9.61
C TYR A 195 -7.62 -5.15 9.05
N LEU A 196 -8.28 -5.97 9.88
CA LEU A 196 -9.32 -6.79 9.32
C LEU A 196 -10.55 -5.95 8.85
N ASN A 197 -10.77 -4.82 9.51
CA ASN A 197 -11.84 -3.85 9.16
C ASN A 197 -11.49 -3.21 7.84
N HIS A 198 -10.18 -2.93 7.65
CA HIS A 198 -9.69 -2.35 6.42
C HIS A 198 -10.04 -3.22 5.21
N ILE A 199 -9.67 -4.50 5.28
CA ILE A 199 -9.96 -5.46 4.28
C ILE A 199 -11.50 -5.62 4.03
N LEU A 200 -12.24 -5.75 5.11
CA LEU A 200 -13.70 -6.07 5.01
C LEU A 200 -14.44 -4.93 4.26
N ALA A 201 -14.16 -3.69 4.57
CA ALA A 201 -14.81 -2.59 3.86
C ALA A 201 -14.49 -2.58 2.40
N TYR A 202 -13.22 -2.82 2.01
CA TYR A 202 -12.91 -2.97 0.61
C TYR A 202 -13.63 -4.17 -0.04
N TRP A 203 -13.74 -5.29 0.70
CA TRP A 203 -14.40 -6.45 0.19
C TRP A 203 -15.91 -6.21 -0.09
N LYS A 204 -16.58 -5.55 0.80
CA LYS A 204 -18.00 -5.19 0.61
C LYS A 204 -18.21 -4.25 -0.57
N ALA A 205 -17.31 -3.29 -0.75
CA ALA A 205 -17.27 -2.46 -1.95
C ALA A 205 -17.07 -3.26 -3.18
N TYR A 206 -16.16 -4.23 -3.13
CA TYR A 206 -15.95 -5.09 -4.25
C TYR A 206 -17.25 -5.89 -4.57
N GLN A 207 -17.86 -6.45 -3.55
CA GLN A 207 -19.10 -7.24 -3.79
C GLN A 207 -20.19 -6.41 -4.47
N GLU A 208 -20.40 -5.20 -3.97
CA GLU A 208 -21.33 -4.28 -4.55
C GLU A 208 -20.98 -3.80 -5.93
N ASN A 209 -19.70 -3.81 -6.34
CA ASN A 209 -19.33 -3.25 -7.64
CA ASN A 209 -19.37 -3.33 -7.70
C ASN A 209 -18.11 -3.94 -8.23
N PRO A 210 -18.21 -5.23 -8.61
CA PRO A 210 -17.10 -6.06 -9.07
C PRO A 210 -16.54 -5.64 -10.39
N ASP A 211 -17.21 -4.71 -11.05
CA ASP A 211 -16.69 -4.21 -12.31
C ASP A 211 -15.62 -3.16 -12.07
N ARG A 212 -15.69 -2.52 -10.91
CA ARG A 212 -14.90 -1.36 -10.57
C ARG A 212 -13.65 -1.67 -9.68
N ILE A 213 -13.70 -2.76 -8.93
CA ILE A 213 -12.62 -3.12 -8.04
C ILE A 213 -12.12 -4.49 -8.37
N LEU A 214 -10.81 -4.67 -8.41
CA LEU A 214 -10.17 -5.99 -8.52
C LEU A 214 -9.57 -6.36 -7.17
N PHE A 215 -9.85 -7.55 -6.65
CA PHE A 215 -9.37 -7.95 -5.34
C PHE A 215 -8.28 -8.95 -5.52
N LEU A 216 -7.06 -8.65 -5.11
CA LEU A 216 -5.98 -9.60 -5.19
C LEU A 216 -5.49 -10.03 -3.82
N LYS A 217 -4.84 -11.18 -3.80
CA LYS A 217 -4.27 -11.70 -2.54
C LYS A 217 -2.80 -12.08 -2.74
N TYR A 218 -1.99 -11.61 -1.81
CA TYR A 218 -0.54 -11.63 -1.92
C TYR A 218 -0.11 -13.10 -2.11
N GLU A 219 -0.60 -13.99 -1.26
CA GLU A 219 -0.20 -15.39 -1.32
C GLU A 219 -0.61 -16.05 -2.62
N THR A 220 -1.79 -15.72 -3.09
CA THR A 220 -2.27 -16.25 -4.34
C THR A 220 -1.48 -15.84 -5.57
N MET A 221 -1.14 -14.57 -5.67
CA MET A 221 -0.26 -14.05 -6.69
C MET A 221 1.15 -14.61 -6.61
N ARG A 222 1.64 -14.71 -5.41
CA ARG A 222 3.00 -15.23 -5.15
C ARG A 222 3.05 -16.70 -5.65
N ALA A 223 2.04 -17.52 -5.42
CA ALA A 223 2.14 -18.93 -5.88
C ALA A 223 2.01 -19.08 -7.38
N ASP A 224 1.25 -18.17 -8.01
CA ASP A 224 0.86 -18.31 -9.39
C ASP A 224 0.66 -16.92 -10.00
N PRO A 225 1.76 -16.17 -10.24
CA PRO A 225 1.56 -14.77 -10.63
C PRO A 225 1.01 -14.55 -12.04
N LEU A 226 1.39 -15.38 -13.00
CA LEU A 226 1.01 -15.10 -14.41
C LEU A 226 -0.49 -14.83 -14.65
N PRO A 227 -1.38 -15.66 -14.09
CA PRO A 227 -2.79 -15.40 -14.37
C PRO A 227 -3.29 -14.10 -13.79
N TYR A 228 -2.76 -13.74 -12.63
CA TYR A 228 -3.20 -12.52 -11.96
C TYR A 228 -2.67 -11.24 -12.61
N VAL A 229 -1.45 -11.34 -13.13
CA VAL A 229 -0.83 -10.26 -13.89
C VAL A 229 -1.59 -10.06 -15.22
N LYS A 230 -2.01 -11.15 -15.87
CA LYS A 230 -2.90 -10.98 -17.04
C LYS A 230 -4.21 -10.32 -16.68
N SER A 231 -4.78 -10.77 -15.57
CA SER A 231 -6.02 -10.23 -15.08
C SER A 231 -5.94 -8.75 -14.75
N LEU A 232 -4.89 -8.37 -14.03
CA LEU A 232 -4.66 -6.99 -13.70
C LEU A 232 -4.51 -6.15 -14.98
N ALA A 233 -3.71 -6.61 -15.93
CA ALA A 233 -3.46 -5.84 -17.19
C ALA A 233 -4.77 -5.56 -17.94
N GLU A 234 -5.53 -6.64 -18.13
CA GLU A 234 -6.87 -6.55 -18.68
C GLU A 234 -7.79 -5.60 -17.95
N PHE A 235 -7.88 -5.69 -16.61
CA PHE A 235 -8.67 -4.76 -15.77
C PHE A 235 -8.23 -3.34 -15.89
N MET A 236 -6.93 -3.12 -16.08
CA MET A 236 -6.43 -1.70 -16.23
C MET A 236 -6.68 -1.13 -17.65
N GLY A 237 -7.11 -1.97 -18.58
CA GLY A 237 -7.32 -1.54 -19.95
C GLY A 237 -6.09 -1.62 -20.79
N HIS A 238 -5.10 -2.38 -20.34
CA HIS A 238 -3.87 -2.63 -21.08
C HIS A 238 -3.60 -4.12 -21.21
N GLY A 239 -4.61 -4.87 -21.69
CA GLY A 239 -4.54 -6.29 -21.66
C GLY A 239 -3.46 -6.80 -22.56
N PHE A 240 -2.88 -7.93 -22.23
CA PHE A 240 -1.88 -8.47 -23.09
C PHE A 240 -2.50 -9.06 -24.36
N THR A 241 -1.93 -8.77 -25.52
CA THR A 241 -2.40 -9.41 -26.75
C THR A 241 -1.86 -10.83 -26.89
N ALA A 242 -2.54 -11.59 -27.73
CA ALA A 242 -2.10 -12.94 -28.06
C ALA A 242 -0.65 -12.94 -28.53
N GLU A 243 -0.26 -11.97 -29.33
CA GLU A 243 1.15 -11.90 -29.79
C GLU A 243 2.13 -11.64 -28.62
N GLU A 244 1.76 -10.71 -27.73
CA GLU A 244 2.60 -10.48 -26.55
C GLU A 244 2.71 -11.73 -25.73
N GLU A 245 1.60 -12.43 -25.56
CA GLU A 245 1.66 -13.65 -24.75
C GLU A 245 2.62 -14.62 -25.35
N GLU A 246 2.45 -14.93 -26.63
CA GLU A 246 3.37 -15.86 -27.31
C GLU A 246 4.82 -15.41 -27.22
N LYS A 247 5.05 -14.12 -27.35
CA LYS A 247 6.43 -13.62 -27.23
C LYS A 247 7.00 -13.60 -25.79
N GLY A 248 6.30 -14.13 -24.79
CA GLY A 248 6.81 -14.13 -23.39
C GLY A 248 6.81 -12.79 -22.65
N VAL A 249 5.99 -11.88 -23.13
CA VAL A 249 5.90 -10.55 -22.53
C VAL A 249 5.38 -10.62 -21.10
N VAL A 250 4.52 -11.57 -20.79
CA VAL A 250 3.93 -11.58 -19.44
C VAL A 250 4.99 -12.07 -18.46
N GLU A 251 5.73 -13.10 -18.88
CA GLU A 251 6.84 -13.56 -18.06
C GLU A 251 7.84 -12.43 -17.82
N LYS A 252 8.05 -11.57 -18.82
CA LYS A 252 9.00 -10.49 -18.69
C LYS A 252 8.51 -9.48 -17.69
N VAL A 253 7.22 -9.14 -17.74
CA VAL A 253 6.65 -8.24 -16.74
C VAL A 253 6.84 -8.85 -15.35
N VAL A 254 6.48 -10.12 -15.17
CA VAL A 254 6.60 -10.74 -13.88
C VAL A 254 8.05 -10.76 -13.39
N ASN A 255 9.01 -11.07 -14.26
CA ASN A 255 10.41 -11.11 -13.86
C ASN A 255 10.94 -9.74 -13.48
N LEU A 256 10.55 -8.73 -14.25
CA LEU A 256 11.00 -7.35 -13.94
C LEU A 256 10.58 -6.93 -12.53
N CYS A 257 9.35 -7.25 -12.17
CA CYS A 257 8.75 -6.78 -10.93
C CYS A 257 8.89 -7.81 -9.80
N SER A 258 9.65 -8.87 -10.01
CA SER A 258 9.77 -9.91 -9.00
C SER A 258 10.57 -9.40 -7.83
N PHE A 259 10.34 -10.00 -6.68
CA PHE A 259 11.09 -9.71 -5.48
C PHE A 259 12.61 -9.81 -5.70
N GLU A 260 13.02 -10.86 -6.39
CA GLU A 260 14.45 -11.17 -6.54
C GLU A 260 15.10 -10.12 -7.46
N THR A 261 14.42 -9.70 -8.53
CA THR A 261 14.95 -8.65 -9.40
C THR A 261 15.07 -7.36 -8.68
N LEU A 262 13.99 -6.91 -8.02
CA LEU A 262 14.02 -5.59 -7.45
C LEU A 262 14.95 -5.49 -6.25
N LYS A 263 14.96 -6.53 -5.39
CA LYS A 263 15.84 -6.58 -4.20
C LYS A 263 17.33 -6.41 -4.56
N ASN A 264 17.71 -6.90 -5.72
CA ASN A 264 19.14 -6.94 -6.10
C ASN A 264 19.54 -5.79 -6.95
N LEU A 265 18.67 -4.81 -7.16
CA LEU A 265 19.06 -3.63 -7.92
C LEU A 265 19.86 -2.73 -7.06
N GLU A 266 20.88 -2.07 -7.65
CA GLU A 266 21.69 -1.08 -6.88
C GLU A 266 20.85 0.01 -6.29
N ALA A 267 19.85 0.46 -7.05
CA ALA A 267 18.94 1.48 -6.49
C ALA A 267 18.33 1.15 -5.08
N ASN A 268 18.15 -0.12 -4.81
CA ASN A 268 17.42 -0.63 -3.65
C ASN A 268 18.39 -1.30 -2.65
N LYS A 269 19.67 -1.04 -2.77
CA LYS A 269 20.64 -1.74 -1.90
C LYS A 269 21.11 -0.87 -0.75
N GLY A 270 21.33 -1.50 0.39
CA GLY A 270 21.93 -0.81 1.58
C GLY A 270 21.17 0.41 2.06
N GLU A 271 21.86 1.55 2.24
CA GLU A 271 21.22 2.75 2.77
C GLU A 271 20.69 3.71 1.69
N LYS A 272 20.81 3.33 0.44
CA LYS A 272 20.46 4.18 -0.67
C LYS A 272 18.99 4.66 -0.53
N ASP A 273 18.78 5.92 -0.80
CA ASP A 273 17.52 6.67 -0.60
C ASP A 273 16.84 6.84 -1.94
N ARG A 274 15.55 7.11 -1.92
CA ARG A 274 14.86 7.43 -3.18
C ARG A 274 15.36 8.79 -3.62
N GLU A 275 15.18 9.12 -4.89
CA GLU A 275 15.72 10.34 -5.44
C GLU A 275 14.67 11.37 -5.87
N ASP A 276 13.40 11.10 -5.72
CA ASP A 276 12.35 12.10 -6.10
C ASP A 276 12.08 13.07 -4.96
N ARG A 277 12.06 12.57 -3.74
CA ARG A 277 11.77 13.40 -2.57
C ARG A 277 12.24 12.72 -1.30
N PRO A 278 12.26 13.44 -0.15
CA PRO A 278 12.79 12.81 1.08
C PRO A 278 11.98 11.64 1.56
N GLY A 279 12.70 10.66 2.11
CA GLY A 279 12.19 9.34 2.52
C GLY A 279 12.59 9.19 4.00
N VAL A 280 11.87 8.37 4.73
CA VAL A 280 12.32 8.01 6.09
C VAL A 280 12.78 6.55 6.17
N TYR A 281 12.73 5.87 5.04
CA TYR A 281 13.26 4.51 4.90
C TYR A 281 14.28 4.45 3.77
N ALA A 282 15.35 3.66 3.94
CA ALA A 282 16.16 3.30 2.78
C ALA A 282 15.26 2.49 1.86
N ASN A 283 15.53 2.57 0.56
CA ASN A 283 14.85 1.74 -0.41
C ASN A 283 14.87 0.24 -0.08
N SER A 284 15.99 -0.23 0.52
CA SER A 284 16.13 -1.61 0.77
C SER A 284 15.11 -2.07 1.79
N ALA A 285 14.64 -1.18 2.63
CA ALA A 285 13.64 -1.55 3.67
C ALA A 285 12.36 -2.24 3.10
N TYR A 286 12.08 -2.01 1.81
CA TYR A 286 10.91 -2.52 1.14
C TYR A 286 11.07 -3.93 0.66
N PHE A 287 12.28 -4.49 0.70
CA PHE A 287 12.52 -5.83 0.26
C PHE A 287 13.15 -6.63 1.39
N ARG A 288 12.39 -7.43 2.12
CA ARG A 288 12.92 -8.12 3.29
C ARG A 288 13.16 -9.55 2.89
N LYS A 289 12.13 -10.37 2.78
CA LYS A 289 12.28 -11.75 2.51
C LYS A 289 11.39 -12.17 1.39
N GLY A 290 10.15 -11.65 1.34
CA GLY A 290 9.30 -11.90 0.21
C GLY A 290 8.71 -13.29 0.15
N LYS A 291 8.50 -13.92 1.29
CA LYS A 291 8.00 -15.29 1.27
C LYS A 291 6.62 -15.33 1.91
N VAL A 292 6.01 -16.50 1.86
CA VAL A 292 4.76 -16.79 2.59
C VAL A 292 5.06 -17.71 3.76
N GLY A 293 4.67 -17.33 4.97
CA GLY A 293 4.83 -18.20 6.15
C GLY A 293 5.97 -17.85 7.09
N ASP A 294 6.64 -16.73 6.84
CA ASP A 294 7.77 -16.35 7.68
C ASP A 294 7.34 -16.05 9.13
N TRP A 295 6.03 -15.86 9.36
CA TRP A 295 5.54 -15.63 10.72
C TRP A 295 6.05 -16.69 11.72
N SER A 296 6.23 -17.92 11.26
CA SER A 296 6.60 -19.05 12.15
C SER A 296 8.02 -18.96 12.62
N ASN A 297 8.82 -18.10 12.03
CA ASN A 297 10.09 -17.68 12.68
C ASN A 297 9.98 -16.67 13.77
N TYR A 298 8.79 -16.07 13.94
CA TYR A 298 8.63 -15.01 14.94
C TYR A 298 7.53 -15.19 16.00
N LEU A 299 6.39 -15.73 15.61
CA LEU A 299 5.30 -15.83 16.54
C LEU A 299 5.22 -17.21 17.14
N THR A 300 4.76 -17.25 18.37
CA THR A 300 4.47 -18.52 19.03
C THR A 300 3.13 -19.11 18.55
N PRO A 301 2.91 -20.41 18.78
CA PRO A 301 1.60 -21.00 18.46
C PRO A 301 0.38 -20.31 19.11
N GLU A 302 0.53 -19.88 20.36
CA GLU A 302 -0.53 -19.14 21.06
C GLU A 302 -0.86 -17.79 20.36
N MET A 303 0.16 -17.08 19.93
CA MET A 303 -0.01 -15.81 19.18
C MET A 303 -0.80 -16.05 17.92
N ALA A 304 -0.34 -17.04 17.15
CA ALA A 304 -0.90 -17.48 15.90
C ALA A 304 -2.36 -17.84 16.05
N ALA A 305 -2.67 -18.54 17.12
CA ALA A 305 -4.08 -18.90 17.40
C ALA A 305 -4.95 -17.70 17.61
N ARG A 306 -4.45 -16.70 18.36
CA ARG A 306 -5.27 -15.58 18.68
C ARG A 306 -5.69 -14.84 17.43
N ILE A 307 -4.71 -14.51 16.57
CA ILE A 307 -5.04 -13.79 15.32
C ILE A 307 -5.81 -14.68 14.34
N ASP A 308 -5.44 -15.95 14.18
CA ASP A 308 -6.17 -16.87 13.35
C ASP A 308 -7.67 -16.87 13.78
N GLY A 309 -7.93 -16.84 15.09
CA GLY A 309 -9.30 -16.89 15.63
C GLY A 309 -10.06 -15.65 15.26
N LEU A 310 -9.39 -14.50 15.43
CA LEU A 310 -10.00 -13.21 15.11
C LEU A 310 -10.41 -13.09 13.65
N MET A 311 -9.56 -13.57 12.77
CA MET A 311 -9.89 -13.53 11.36
C MET A 311 -11.03 -14.49 10.98
N GLU A 312 -10.94 -15.70 11.49
CA GLU A 312 -12.03 -16.68 11.28
C GLU A 312 -13.37 -16.07 11.69
N GLU A 313 -13.45 -15.48 12.88
CA GLU A 313 -14.75 -14.94 13.35
C GLU A 313 -15.21 -13.77 12.47
N LYS A 314 -14.28 -12.94 12.02
CA LYS A 314 -14.68 -11.70 11.37
C LYS A 314 -15.16 -11.98 9.94
N PHE A 315 -14.51 -12.95 9.29
CA PHE A 315 -14.71 -13.19 7.87
C PHE A 315 -15.57 -14.43 7.55
N LYS A 316 -15.91 -15.23 8.56
CA LYS A 316 -16.78 -16.41 8.31
C LYS A 316 -18.05 -15.94 7.60
N GLY A 317 -18.41 -16.58 6.48
CA GLY A 317 -19.65 -16.19 5.76
C GLY A 317 -19.62 -14.93 4.91
N THR A 318 -18.43 -14.39 4.68
CA THR A 318 -18.30 -13.20 3.85
C THR A 318 -17.88 -13.56 2.44
N GLY A 319 -17.17 -14.66 2.26
CA GLY A 319 -16.58 -14.99 0.97
C GLY A 319 -15.08 -14.79 0.87
N LEU A 320 -14.48 -14.06 1.81
CA LEU A 320 -13.03 -13.82 1.80
C LEU A 320 -12.16 -15.02 2.09
N LEU A 321 -12.72 -16.03 2.75
CA LEU A 321 -12.02 -17.30 2.92
C LEU A 321 -12.65 -18.30 1.93
N GLU A 322 -13.97 -18.20 1.74
CA GLU A 322 -14.81 -19.22 1.06
C GLU A 322 -14.90 -18.98 -0.46
#